data_6EYL
#
_entry.id   6EYL
#
_cell.length_a   29.710
_cell.length_b   66.610
_cell.length_c   126.990
_cell.angle_alpha   90.00
_cell.angle_beta   91.84
_cell.angle_gamma   90.00
#
_symmetry.space_group_name_H-M   'P 1 21 1'
#
loop_
_entity.id
_entity.type
_entity.pdbx_description
1 polymer 'Osmotically activated L-carnitine/choline ABC transporter substrate-binding protein OpuCC'
2 non-polymer CARNITINE
3 water water
#
_entity_poly.entity_id   1
_entity_poly.type   'polypeptide(L)'
_entity_poly.pdbx_seq_one_letter_code
;MKRKYLKLMIGLALAATLTLSGCSLPGLSAAADQTIKIGAQSMSESEIIASMLGQLIEHHTDLKTTTIKNLGSNAVQQQA
LMNGEIDIAATRYTGTALTGTLRMEPEKDPDKALALTQREFKKRYDLKWYDSYGFDNTYAFTVSKELADQYHLETVSDVK
KWAPQLKLGVDNYWMKLKGNGYQDFTKTYGMTFGGTYPMQIGLVYDAVKSGKMDIVLAYSTDGRIKSYGLKMLKDDKQFF
PPYDCSPVVPEKVLKEHPELEGIIKKMLGKIDTATMQELNYEVDGNLKEPSVVAKEYLEKHRYFES
;
_entity_poly.pdbx_strand_id   A,B
#
# COMPACT_ATOMS: atom_id res chain seq x y z
N GLY A 27 -25.06 -58.06 -19.02
CA GLY A 27 -26.32 -57.90 -19.71
C GLY A 27 -27.15 -56.77 -19.14
N LEU A 28 -28.14 -56.29 -19.90
CA LEU A 28 -28.93 -55.14 -19.50
C LEU A 28 -29.72 -55.35 -18.21
N SER A 29 -30.12 -56.59 -17.93
CA SER A 29 -30.90 -56.85 -16.72
C SER A 29 -30.05 -56.70 -15.46
N ALA A 30 -28.74 -56.59 -15.66
CA ALA A 30 -27.80 -56.38 -14.56
C ALA A 30 -27.54 -54.89 -14.30
N ALA A 31 -28.07 -54.02 -15.16
CA ALA A 31 -27.83 -52.58 -15.02
C ALA A 31 -28.24 -52.04 -13.66
N ALA A 32 -29.38 -52.50 -13.17
CA ALA A 32 -29.89 -52.09 -11.85
C ALA A 32 -28.94 -52.50 -10.72
N ASP A 33 -28.04 -53.43 -11.02
CA ASP A 33 -27.14 -53.98 -10.02
C ASP A 33 -25.77 -53.29 -10.06
N GLN A 34 -25.58 -52.41 -11.03
CA GLN A 34 -24.30 -51.71 -11.17
C GLN A 34 -24.13 -50.59 -10.16
N THR A 35 -22.87 -50.25 -9.90
CA THR A 35 -22.53 -49.13 -9.03
C THR A 35 -22.24 -47.91 -9.90
N ILE A 36 -22.91 -46.79 -9.60
CA ILE A 36 -22.69 -45.54 -10.31
C ILE A 36 -21.47 -44.83 -9.69
N LYS A 37 -20.44 -44.65 -10.50
CA LYS A 37 -19.20 -44.02 -10.04
C LYS A 37 -19.24 -42.51 -10.28
N ILE A 38 -19.18 -41.76 -9.19
CA ILE A 38 -19.30 -40.30 -9.25
C ILE A 38 -17.96 -39.65 -8.95
N GLY A 39 -17.41 -38.94 -9.94
CA GLY A 39 -16.12 -38.30 -9.78
C GLY A 39 -16.14 -37.00 -8.99
N ALA A 40 -15.16 -36.83 -8.11
CA ALA A 40 -14.92 -35.57 -7.42
C ALA A 40 -13.48 -35.09 -7.62
N GLN A 41 -13.33 -33.80 -7.92
CA GLN A 41 -12.03 -33.15 -8.00
C GLN A 41 -11.52 -32.90 -6.58
N SER A 42 -10.25 -32.54 -6.46
N SER A 42 -10.24 -32.57 -6.45
CA SER A 42 -9.63 -32.26 -5.16
CA SER A 42 -9.65 -32.30 -5.13
C SER A 42 -10.02 -30.88 -4.60
C SER A 42 -10.03 -30.91 -4.60
N MET A 43 -11.32 -30.69 -4.39
N MET A 43 -11.33 -30.70 -4.41
CA MET A 43 -11.86 -29.46 -3.80
CA MET A 43 -11.89 -29.47 -3.83
C MET A 43 -13.00 -29.88 -2.88
C MET A 43 -12.99 -29.92 -2.87
N SER A 44 -13.12 -29.24 -1.72
CA SER A 44 -14.21 -29.53 -0.80
C SER A 44 -15.57 -29.48 -1.50
N GLU A 45 -15.74 -28.45 -2.33
CA GLU A 45 -16.94 -28.27 -3.14
C GLU A 45 -17.34 -29.52 -3.93
N SER A 46 -16.35 -30.11 -4.60
CA SER A 46 -16.63 -31.27 -5.44
C SER A 46 -17.01 -32.50 -4.62
N GLU A 47 -16.35 -32.66 -3.47
CA GLU A 47 -16.69 -33.77 -2.60
C GLU A 47 -18.09 -33.61 -2.00
N ILE A 48 -18.46 -32.39 -1.64
CA ILE A 48 -19.80 -32.15 -1.09
C ILE A 48 -20.86 -32.47 -2.13
N ILE A 49 -20.71 -31.94 -3.33
CA ILE A 49 -21.69 -32.16 -4.40
C ILE A 49 -21.74 -33.61 -4.87
N ALA A 50 -20.58 -34.25 -5.02
CA ALA A 50 -20.56 -35.68 -5.38
C ALA A 50 -21.32 -36.52 -4.36
N SER A 51 -21.11 -36.25 -3.09
CA SER A 51 -21.81 -37.00 -2.04
C SER A 51 -23.32 -36.73 -2.06
N MET A 52 -23.67 -35.47 -2.27
CA MET A 52 -25.08 -35.08 -2.32
C MET A 52 -25.82 -35.82 -3.46
N LEU A 53 -25.20 -35.86 -4.63
CA LEU A 53 -25.80 -36.53 -5.78
C LEU A 53 -25.89 -38.03 -5.52
N GLY A 54 -24.85 -38.63 -4.94
CA GLY A 54 -24.91 -40.04 -4.59
C GLY A 54 -26.03 -40.38 -3.61
N GLN A 55 -26.15 -39.56 -2.57
CA GLN A 55 -27.20 -39.78 -1.57
C GLN A 55 -28.59 -39.57 -2.16
N LEU A 56 -28.71 -38.64 -3.09
CA LEU A 56 -30.00 -38.42 -3.73
C LEU A 56 -30.39 -39.60 -4.62
N ILE A 57 -29.42 -40.14 -5.35
CA ILE A 57 -29.66 -41.34 -6.16
C ILE A 57 -30.08 -42.52 -5.28
N GLU A 58 -29.42 -42.71 -4.14
CA GLU A 58 -29.75 -43.82 -3.24
C GLU A 58 -31.10 -43.62 -2.55
N HIS A 59 -31.50 -42.36 -2.40
CA HIS A 59 -32.80 -42.00 -1.81
C HIS A 59 -33.94 -42.46 -2.70
N HIS A 60 -33.74 -42.41 -4.01
CA HIS A 60 -34.81 -42.66 -4.97
C HIS A 60 -34.79 -44.02 -5.65
N THR A 61 -33.62 -44.67 -5.66
CA THR A 61 -33.44 -45.91 -6.41
C THR A 61 -32.74 -46.99 -5.61
N ASP A 62 -32.60 -48.19 -6.19
CA ASP A 62 -31.81 -49.25 -5.58
C ASP A 62 -30.35 -49.23 -6.07
N LEU A 63 -29.99 -48.19 -6.81
CA LEU A 63 -28.64 -48.12 -7.36
C LEU A 63 -27.64 -47.85 -6.25
N LYS A 64 -26.51 -48.55 -6.33
CA LYS A 64 -25.39 -48.27 -5.45
C LYS A 64 -24.61 -47.12 -6.09
N THR A 65 -23.98 -46.30 -5.26
CA THR A 65 -23.10 -45.25 -5.75
C THR A 65 -21.79 -45.25 -4.97
N THR A 66 -20.72 -44.80 -5.64
N THR A 66 -20.77 -44.69 -5.61
CA THR A 66 -19.43 -44.57 -4.99
CA THR A 66 -19.47 -44.54 -4.99
C THR A 66 -18.83 -43.25 -5.49
C THR A 66 -18.82 -43.26 -5.50
N THR A 67 -17.94 -42.67 -4.70
CA THR A 67 -17.26 -41.46 -5.10
C THR A 67 -15.81 -41.78 -5.46
N ILE A 68 -15.41 -41.34 -6.66
CA ILE A 68 -14.03 -41.50 -7.14
C ILE A 68 -13.38 -40.15 -6.89
N LYS A 69 -12.63 -40.06 -5.79
CA LYS A 69 -12.11 -38.80 -5.29
C LYS A 69 -10.72 -38.43 -5.81
N ASN A 70 -10.34 -37.18 -5.56
CA ASN A 70 -9.00 -36.65 -5.84
C ASN A 70 -8.59 -36.54 -7.31
N LEU A 71 -9.58 -36.49 -8.21
CA LEU A 71 -9.30 -36.17 -9.61
C LEU A 71 -8.65 -34.78 -9.67
N GLY A 72 -7.56 -34.65 -10.42
CA GLY A 72 -6.73 -33.45 -10.31
C GLY A 72 -7.26 -32.20 -10.97
N SER A 73 -8.07 -32.38 -12.02
CA SER A 73 -8.41 -31.26 -12.89
C SER A 73 -9.55 -31.56 -13.84
N ASN A 74 -9.99 -30.52 -14.53
CA ASN A 74 -10.96 -30.63 -15.60
C ASN A 74 -10.58 -31.69 -16.63
N ALA A 75 -9.31 -31.70 -17.05
CA ALA A 75 -8.86 -32.67 -18.05
C ALA A 75 -8.92 -34.11 -17.54
N VAL A 76 -8.57 -34.30 -16.27
CA VAL A 76 -8.63 -35.63 -15.68
C VAL A 76 -10.08 -36.11 -15.67
N GLN A 77 -11.00 -35.22 -15.30
CA GLN A 77 -12.41 -35.59 -15.31
C GLN A 77 -12.92 -35.93 -16.71
N GLN A 78 -12.50 -35.13 -17.69
CA GLN A 78 -12.88 -35.35 -19.08
C GLN A 78 -12.44 -36.73 -19.57
N GLN A 79 -11.18 -37.07 -19.34
N GLN A 79 -11.18 -37.09 -19.33
CA GLN A 79 -10.68 -38.38 -19.75
CA GLN A 79 -10.72 -38.39 -19.78
C GLN A 79 -11.41 -39.52 -19.05
C GLN A 79 -11.44 -39.52 -19.05
N ALA A 80 -11.69 -39.35 -17.76
CA ALA A 80 -12.36 -40.37 -16.96
C ALA A 80 -13.80 -40.60 -17.42
N LEU A 81 -14.47 -39.54 -17.88
CA LEU A 81 -15.79 -39.69 -18.50
C LEU A 81 -15.72 -40.47 -19.81
N MET A 82 -14.68 -40.22 -20.59
CA MET A 82 -14.60 -40.83 -21.91
C MET A 82 -14.12 -42.28 -21.89
N ASN A 83 -13.45 -42.67 -20.81
CA ASN A 83 -12.93 -44.04 -20.74
C ASN A 83 -13.66 -44.93 -19.73
N GLY A 84 -14.77 -44.42 -19.18
CA GLY A 84 -15.58 -45.22 -18.29
C GLY A 84 -15.17 -45.28 -16.84
N GLU A 85 -14.13 -44.53 -16.46
CA GLU A 85 -13.69 -44.57 -15.06
C GLU A 85 -14.65 -43.87 -14.10
N ILE A 86 -15.37 -42.87 -14.59
CA ILE A 86 -16.49 -42.28 -13.84
C ILE A 86 -17.73 -42.22 -14.72
N ASP A 87 -18.89 -42.43 -14.11
CA ASP A 87 -20.17 -42.37 -14.82
C ASP A 87 -20.79 -41.00 -14.73
N ILE A 88 -20.41 -40.23 -13.70
CA ILE A 88 -20.90 -38.86 -13.54
C ILE A 88 -19.73 -38.02 -13.05
N ALA A 89 -19.54 -36.86 -13.65
CA ALA A 89 -18.61 -35.87 -13.12
C ALA A 89 -19.44 -34.87 -12.32
N ALA A 90 -19.27 -34.86 -11.01
CA ALA A 90 -20.12 -34.06 -10.14
C ALA A 90 -20.02 -32.57 -10.40
N THR A 91 -18.81 -32.05 -10.56
CA THR A 91 -18.61 -30.61 -10.73
C THR A 91 -17.68 -30.27 -11.88
N ARG A 92 -18.24 -29.72 -12.96
CA ARG A 92 -17.46 -29.14 -14.06
C ARG A 92 -17.88 -27.69 -14.23
N TYR A 93 -17.01 -26.88 -14.81
CA TYR A 93 -17.18 -25.42 -14.85
C TYR A 93 -17.07 -24.95 -16.29
N THR A 94 -18.05 -24.18 -16.75
CA THR A 94 -18.15 -23.86 -18.18
C THR A 94 -16.89 -23.24 -18.77
N GLY A 95 -16.35 -22.19 -18.14
CA GLY A 95 -15.19 -21.51 -18.67
C GLY A 95 -13.99 -22.41 -18.82
N THR A 96 -13.82 -23.32 -17.86
CA THR A 96 -12.71 -24.24 -17.87
C THR A 96 -12.83 -25.21 -19.02
N ALA A 97 -14.03 -25.75 -19.21
CA ALA A 97 -14.26 -26.71 -20.29
C ALA A 97 -14.23 -26.04 -21.68
N LEU A 98 -14.77 -24.83 -21.79
CA LEU A 98 -14.78 -24.11 -23.07
C LEU A 98 -13.38 -23.92 -23.63
N THR A 99 -12.45 -23.48 -22.78
CA THR A 99 -11.09 -23.21 -23.25
C THR A 99 -10.20 -24.45 -23.19
N GLY A 100 -10.30 -25.22 -22.12
CA GLY A 100 -9.43 -26.37 -21.91
C GLY A 100 -9.81 -27.62 -22.68
N THR A 101 -11.07 -27.99 -22.61
CA THR A 101 -11.52 -29.19 -23.30
C THR A 101 -11.87 -28.91 -24.76
N LEU A 102 -12.68 -27.88 -25.00
CA LEU A 102 -13.22 -27.63 -26.35
C LEU A 102 -12.29 -26.79 -27.21
N ARG A 103 -11.33 -26.12 -26.59
CA ARG A 103 -10.40 -25.25 -27.32
C ARG A 103 -11.12 -24.20 -28.15
N MET A 104 -12.16 -23.60 -27.56
CA MET A 104 -12.92 -22.56 -28.22
C MET A 104 -12.56 -21.16 -27.71
N GLU A 105 -12.88 -20.15 -28.50
CA GLU A 105 -12.72 -18.77 -28.07
C GLU A 105 -13.55 -18.54 -26.82
N PRO A 106 -12.98 -17.84 -25.83
CA PRO A 106 -13.77 -17.61 -24.62
C PRO A 106 -14.98 -16.74 -24.92
N GLU A 107 -16.04 -16.97 -24.17
CA GLU A 107 -17.29 -16.24 -24.28
C GLU A 107 -17.55 -15.57 -22.95
N LYS A 108 -17.77 -14.26 -22.97
CA LYS A 108 -17.97 -13.48 -21.73
C LYS A 108 -19.34 -13.63 -21.09
N ASP A 109 -20.36 -13.95 -21.89
CA ASP A 109 -21.71 -14.04 -21.36
C ASP A 109 -21.98 -15.43 -20.77
N PRO A 110 -22.36 -15.49 -19.48
CA PRO A 110 -22.60 -16.80 -18.84
C PRO A 110 -23.61 -17.68 -19.58
N ASP A 111 -24.76 -17.13 -19.95
CA ASP A 111 -25.76 -17.91 -20.66
C ASP A 111 -25.25 -18.44 -22.00
N LYS A 112 -24.57 -17.59 -22.77
CA LYS A 112 -24.01 -18.01 -24.05
C LYS A 112 -22.93 -19.07 -23.87
N ALA A 113 -22.03 -18.87 -22.91
CA ALA A 113 -21.00 -19.85 -22.61
C ALA A 113 -21.59 -21.23 -22.25
N LEU A 114 -22.65 -21.24 -21.44
CA LEU A 114 -23.30 -22.50 -21.08
C LEU A 114 -23.93 -23.17 -22.31
N ALA A 115 -24.65 -22.39 -23.10
CA ALA A 115 -25.29 -22.96 -24.29
C ALA A 115 -24.29 -23.56 -25.28
N LEU A 116 -23.18 -22.85 -25.50
CA LEU A 116 -22.13 -23.36 -26.40
C LEU A 116 -21.54 -24.66 -25.87
N THR A 117 -21.23 -24.66 -24.58
CA THR A 117 -20.66 -25.83 -23.92
C THR A 117 -21.61 -27.03 -24.01
N GLN A 118 -22.90 -26.81 -23.75
CA GLN A 118 -23.88 -27.89 -23.85
C GLN A 118 -23.96 -28.46 -25.26
N ARG A 119 -24.03 -27.58 -26.26
CA ARG A 119 -24.14 -28.01 -27.66
C ARG A 119 -22.92 -28.84 -28.05
N GLU A 120 -21.72 -28.30 -27.81
CA GLU A 120 -20.51 -28.99 -28.23
C GLU A 120 -20.20 -30.27 -27.45
N PHE A 121 -20.56 -30.29 -26.16
CA PHE A 121 -20.36 -31.52 -25.39
C PHE A 121 -21.19 -32.70 -25.90
N LYS A 122 -22.43 -32.42 -26.32
N LYS A 122 -22.43 -32.42 -26.31
CA LYS A 122 -23.28 -33.45 -26.90
CA LYS A 122 -23.27 -33.46 -26.90
C LYS A 122 -22.74 -33.87 -28.26
C LYS A 122 -22.74 -33.87 -28.26
N LYS A 123 -22.42 -32.89 -29.11
CA LYS A 123 -21.94 -33.16 -30.46
C LYS A 123 -20.59 -33.89 -30.50
N ARG A 124 -19.61 -33.41 -29.76
CA ARG A 124 -18.27 -33.96 -29.87
C ARG A 124 -18.05 -35.23 -29.05
N TYR A 125 -18.74 -35.33 -27.91
CA TYR A 125 -18.41 -36.36 -26.92
C TYR A 125 -19.58 -37.24 -26.51
N ASP A 126 -20.77 -36.94 -27.01
CA ASP A 126 -22.01 -37.60 -26.54
C ASP A 126 -22.12 -37.52 -25.02
N LEU A 127 -21.72 -36.38 -24.47
CA LEU A 127 -21.85 -36.11 -23.04
C LEU A 127 -22.95 -35.09 -22.81
N LYS A 128 -23.76 -35.30 -21.79
CA LYS A 128 -24.78 -34.31 -21.40
C LYS A 128 -24.23 -33.39 -20.33
N TRP A 129 -24.06 -32.12 -20.68
CA TRP A 129 -23.66 -31.10 -19.72
C TRP A 129 -24.96 -30.46 -19.25
N TYR A 130 -25.32 -30.72 -17.99
CA TYR A 130 -26.60 -30.24 -17.45
C TYR A 130 -26.61 -28.74 -17.19
N ASP A 131 -27.81 -28.18 -17.02
CA ASP A 131 -27.91 -26.81 -16.54
C ASP A 131 -27.18 -26.73 -15.20
N SER A 132 -26.83 -25.51 -14.78
CA SER A 132 -26.05 -25.32 -13.57
C SER A 132 -26.80 -25.66 -12.28
N TYR A 133 -26.05 -26.08 -11.28
CA TYR A 133 -26.60 -26.19 -9.92
C TYR A 133 -27.13 -24.86 -9.43
N GLY A 134 -26.55 -23.74 -9.90
CA GLY A 134 -27.01 -22.42 -9.51
C GLY A 134 -25.90 -21.52 -9.01
N PHE A 135 -24.69 -22.03 -8.97
CA PHE A 135 -23.53 -21.25 -8.52
C PHE A 135 -22.41 -21.28 -9.55
N ASP A 136 -21.60 -20.22 -9.52
CA ASP A 136 -20.36 -20.18 -10.30
C ASP A 136 -19.19 -20.08 -9.32
N ASN A 137 -18.07 -20.69 -9.68
CA ASN A 137 -16.87 -20.68 -8.85
C ASN A 137 -15.70 -20.16 -9.67
N THR A 138 -15.42 -18.87 -9.54
CA THR A 138 -14.38 -18.25 -10.34
C THR A 138 -13.07 -18.05 -9.59
N TYR A 139 -11.96 -18.08 -10.33
CA TYR A 139 -10.72 -17.54 -9.77
C TYR A 139 -11.00 -16.08 -9.39
N ALA A 140 -10.46 -15.63 -8.26
CA ALA A 140 -10.62 -14.24 -7.82
C ALA A 140 -9.40 -13.78 -7.05
N PHE A 141 -8.74 -12.73 -7.53
CA PHE A 141 -7.63 -12.14 -6.77
C PHE A 141 -8.20 -11.53 -5.50
N THR A 142 -7.61 -11.92 -4.37
CA THR A 142 -8.21 -11.65 -3.07
C THR A 142 -7.15 -11.14 -2.09
N VAL A 143 -7.50 -10.09 -1.36
CA VAL A 143 -6.61 -9.49 -0.36
C VAL A 143 -7.34 -9.41 0.99
N SER A 144 -6.63 -9.10 2.06
CA SER A 144 -7.31 -8.78 3.32
C SER A 144 -8.09 -7.47 3.16
N LYS A 145 -9.21 -7.33 3.87
CA LYS A 145 -9.95 -6.07 3.85
C LYS A 145 -9.05 -4.96 4.37
N GLU A 146 -8.17 -5.28 5.31
CA GLU A 146 -7.24 -4.29 5.86
C GLU A 146 -6.37 -3.68 4.77
N LEU A 147 -5.78 -4.52 3.92
CA LEU A 147 -4.98 -4.01 2.81
C LEU A 147 -5.83 -3.23 1.80
N ALA A 148 -7.01 -3.74 1.49
CA ALA A 148 -7.88 -3.07 0.54
C ALA A 148 -8.29 -1.69 1.03
N ASP A 149 -8.58 -1.56 2.33
CA ASP A 149 -8.97 -0.27 2.90
C ASP A 149 -7.80 0.71 2.89
N GLN A 150 -6.63 0.24 3.28
CA GLN A 150 -5.45 1.10 3.37
C GLN A 150 -5.07 1.70 2.02
N TYR A 151 -5.10 0.87 0.98
CA TYR A 151 -4.62 1.28 -0.33
C TYR A 151 -5.72 1.48 -1.37
N HIS A 152 -6.98 1.52 -0.90
CA HIS A 152 -8.12 1.71 -1.77
C HIS A 152 -8.14 0.74 -2.94
N LEU A 153 -8.03 -0.55 -2.64
CA LEU A 153 -8.00 -1.58 -3.67
C LEU A 153 -9.40 -2.10 -3.95
N GLU A 154 -9.85 -1.95 -5.19
CA GLU A 154 -11.15 -2.46 -5.61
C GLU A 154 -11.03 -3.44 -6.78
N THR A 155 -10.06 -3.20 -7.65
CA THR A 155 -9.92 -3.95 -8.89
C THR A 155 -8.54 -4.60 -8.99
N VAL A 156 -8.39 -5.55 -9.91
CA VAL A 156 -7.09 -6.13 -10.19
C VAL A 156 -6.09 -5.08 -10.70
N SER A 157 -6.54 -4.21 -11.60
N SER A 157 -6.50 -4.19 -11.59
CA SER A 157 -5.67 -3.14 -12.09
CA SER A 157 -5.57 -3.17 -12.07
C SER A 157 -5.18 -2.24 -10.97
C SER A 157 -5.17 -2.19 -10.96
N ASP A 158 -5.93 -2.15 -9.86
CA ASP A 158 -5.56 -1.32 -8.71
C ASP A 158 -4.26 -1.81 -8.07
N VAL A 159 -3.91 -3.08 -8.28
CA VAL A 159 -2.68 -3.58 -7.70
C VAL A 159 -1.51 -3.59 -8.67
N LYS A 160 -1.76 -3.13 -9.91
CA LYS A 160 -0.69 -3.12 -10.92
C LYS A 160 0.54 -2.36 -10.43
N LYS A 161 0.32 -1.17 -9.85
CA LYS A 161 1.45 -0.34 -9.45
C LYS A 161 2.15 -0.93 -8.22
N TRP A 162 1.49 -1.86 -7.55
CA TRP A 162 2.02 -2.48 -6.34
C TRP A 162 2.63 -3.84 -6.58
N ALA A 163 2.41 -4.42 -7.76
CA ALA A 163 2.75 -5.82 -8.00
C ALA A 163 4.17 -6.25 -7.58
N PRO A 164 5.20 -5.46 -7.90
CA PRO A 164 6.56 -5.87 -7.50
C PRO A 164 6.77 -5.95 -5.98
N GLN A 165 5.89 -5.34 -5.20
CA GLN A 165 6.01 -5.38 -3.75
C GLN A 165 5.01 -6.32 -3.11
N LEU A 166 4.37 -7.16 -3.93
CA LEU A 166 3.36 -8.08 -3.40
C LEU A 166 3.81 -9.54 -3.53
N LYS A 167 3.53 -10.33 -2.50
CA LYS A 167 3.66 -11.78 -2.57
C LYS A 167 2.29 -12.39 -2.90
N LEU A 168 2.23 -13.12 -4.01
CA LEU A 168 1.00 -13.76 -4.49
C LEU A 168 1.00 -15.27 -4.21
N GLY A 169 -0.02 -15.77 -3.52
CA GLY A 169 -0.21 -17.20 -3.35
C GLY A 169 -1.20 -17.73 -4.37
N VAL A 170 -0.91 -18.86 -5.00
CA VAL A 170 -1.78 -19.44 -6.02
C VAL A 170 -1.86 -20.95 -5.84
N ASP A 171 -2.83 -21.60 -6.49
CA ASP A 171 -2.93 -23.07 -6.41
C ASP A 171 -1.79 -23.75 -7.17
N ASN A 172 -1.70 -25.06 -7.05
CA ASN A 172 -0.55 -25.79 -7.58
C ASN A 172 -0.64 -26.08 -9.08
N TYR A 173 -1.67 -25.55 -9.73
CA TYR A 173 -1.88 -25.77 -11.16
C TYR A 173 -1.80 -24.49 -11.97
N TRP A 174 -2.05 -23.35 -11.33
CA TRP A 174 -2.26 -22.11 -12.07
C TRP A 174 -1.02 -21.61 -12.84
N MET A 175 0.17 -21.89 -12.32
CA MET A 175 1.39 -21.44 -12.99
C MET A 175 1.63 -22.10 -14.36
N LYS A 176 1.24 -23.37 -14.50
CA LYS A 176 1.38 -24.09 -15.76
C LYS A 176 0.13 -24.06 -16.62
N LEU A 177 -0.96 -23.55 -16.06
CA LEU A 177 -2.26 -23.60 -16.73
C LEU A 177 -2.28 -22.77 -18.02
N LYS A 178 -2.86 -23.32 -19.08
CA LYS A 178 -2.99 -22.58 -20.34
C LYS A 178 -4.32 -21.82 -20.42
N GLY A 179 -4.32 -20.70 -21.16
CA GLY A 179 -5.54 -19.97 -21.42
C GLY A 179 -5.87 -18.89 -20.41
N ASN A 180 -6.13 -19.32 -19.18
CA ASN A 180 -6.43 -18.40 -18.09
C ASN A 180 -5.48 -18.60 -16.92
N GLY A 181 -4.29 -19.11 -17.23
CA GLY A 181 -3.25 -19.31 -16.23
C GLY A 181 -2.29 -18.13 -16.08
N TYR A 182 -1.20 -18.34 -15.35
CA TYR A 182 -0.23 -17.28 -15.07
C TYR A 182 0.32 -16.59 -16.33
N GLN A 183 0.68 -17.38 -17.34
CA GLN A 183 1.27 -16.79 -18.55
C GLN A 183 0.34 -15.80 -19.22
N ASP A 184 -0.90 -16.21 -19.44
CA ASP A 184 -1.85 -15.31 -20.08
C ASP A 184 -2.25 -14.13 -19.19
N PHE A 185 -2.29 -14.35 -17.88
CA PHE A 185 -2.59 -13.26 -16.96
C PHE A 185 -1.55 -12.14 -17.08
N THR A 186 -0.27 -12.51 -17.09
CA THR A 186 0.78 -11.51 -17.14
C THR A 186 0.73 -10.74 -18.46
N LYS A 187 0.41 -11.46 -19.54
CA LYS A 187 0.29 -10.84 -20.85
C LYS A 187 -0.91 -9.91 -20.94
N THR A 188 -2.03 -10.30 -20.33
CA THR A 188 -3.25 -9.48 -20.37
C THR A 188 -3.22 -8.28 -19.42
N TYR A 189 -2.77 -8.48 -18.18
CA TYR A 189 -2.76 -7.40 -17.19
C TYR A 189 -1.45 -6.59 -17.15
N GLY A 190 -0.39 -7.13 -17.75
CA GLY A 190 0.89 -6.42 -17.83
C GLY A 190 1.48 -6.11 -16.47
N MET A 191 1.47 -7.11 -15.59
CA MET A 191 2.11 -6.99 -14.29
C MET A 191 2.72 -8.33 -13.92
N THR A 192 3.78 -8.30 -13.12
CA THR A 192 4.26 -9.52 -12.50
C THR A 192 4.51 -9.25 -11.03
N PHE A 193 4.23 -10.27 -10.22
CA PHE A 193 4.32 -10.09 -8.78
C PHE A 193 5.75 -10.29 -8.27
N GLY A 194 6.08 -9.61 -7.18
CA GLY A 194 7.40 -9.72 -6.59
C GLY A 194 7.77 -11.13 -6.20
N GLY A 195 6.77 -11.91 -5.81
CA GLY A 195 6.96 -13.32 -5.51
C GLY A 195 5.67 -14.08 -5.81
N THR A 196 5.82 -15.28 -6.38
CA THR A 196 4.67 -16.15 -6.58
C THR A 196 4.90 -17.46 -5.83
N TYR A 197 3.87 -17.89 -5.10
CA TYR A 197 3.99 -19.04 -4.21
C TYR A 197 2.87 -20.04 -4.47
N PRO A 198 3.15 -21.09 -5.24
CA PRO A 198 2.17 -22.15 -5.45
C PRO A 198 2.00 -23.02 -4.21
N MET A 199 0.76 -23.42 -3.94
CA MET A 199 0.43 -24.22 -2.77
C MET A 199 -0.93 -24.86 -3.01
N GLN A 200 -1.29 -25.88 -2.22
CA GLN A 200 -2.61 -26.47 -2.36
C GLN A 200 -3.67 -25.38 -2.13
N ILE A 201 -4.73 -25.37 -2.95
CA ILE A 201 -5.69 -24.25 -2.96
C ILE A 201 -6.25 -23.96 -1.57
N GLY A 202 -6.52 -25.00 -0.79
CA GLY A 202 -7.10 -24.83 0.52
C GLY A 202 -6.27 -24.01 1.49
N LEU A 203 -4.97 -23.87 1.19
CA LEU A 203 -4.04 -23.17 2.07
C LEU A 203 -4.00 -21.66 1.84
N VAL A 204 -4.53 -21.19 0.71
CA VAL A 204 -4.33 -19.77 0.38
C VAL A 204 -5.06 -18.83 1.32
N TYR A 205 -6.13 -19.30 1.95
CA TYR A 205 -7.00 -18.45 2.75
C TYR A 205 -6.29 -18.04 4.03
N ASP A 206 -5.69 -19.02 4.71
CA ASP A 206 -4.87 -18.73 5.88
C ASP A 206 -3.59 -18.00 5.49
N ALA A 207 -3.10 -18.22 4.28
CA ALA A 207 -1.87 -17.57 3.86
C ALA A 207 -2.06 -16.07 3.79
N VAL A 208 -3.17 -15.61 3.25
CA VAL A 208 -3.42 -14.17 3.15
C VAL A 208 -3.91 -13.58 4.47
N LYS A 209 -4.74 -14.32 5.21
CA LYS A 209 -5.23 -13.84 6.50
C LYS A 209 -4.08 -13.61 7.49
N SER A 210 -3.12 -14.52 7.48
CA SER A 210 -2.00 -14.48 8.42
C SER A 210 -0.93 -13.46 8.01
N GLY A 211 -1.00 -12.96 6.79
CA GLY A 211 -0.05 -11.94 6.32
C GLY A 211 1.19 -12.50 5.65
N LYS A 212 1.26 -13.83 5.51
CA LYS A 212 2.37 -14.44 4.78
C LYS A 212 2.33 -14.08 3.29
N MET A 213 1.12 -14.02 2.74
CA MET A 213 0.91 -13.54 1.38
C MET A 213 0.17 -12.21 1.44
N ASP A 214 0.41 -11.34 0.45
CA ASP A 214 -0.31 -10.07 0.40
C ASP A 214 -1.58 -10.21 -0.41
N ILE A 215 -1.59 -11.19 -1.31
CA ILE A 215 -2.68 -11.37 -2.25
C ILE A 215 -2.69 -12.84 -2.67
N VAL A 216 -3.86 -13.42 -2.88
CA VAL A 216 -3.95 -14.81 -3.34
C VAL A 216 -4.97 -14.96 -4.46
N LEU A 217 -4.79 -15.98 -5.30
CA LEU A 217 -5.79 -16.30 -6.29
C LEU A 217 -6.72 -17.35 -5.70
N ALA A 218 -7.81 -16.87 -5.09
CA ALA A 218 -8.76 -17.71 -4.41
C ALA A 218 -9.83 -18.22 -5.37
N TYR A 219 -10.68 -19.12 -4.88
CA TYR A 219 -11.85 -19.56 -5.61
C TYR A 219 -13.04 -18.92 -4.92
N SER A 220 -13.93 -18.31 -5.70
CA SER A 220 -14.97 -17.43 -5.14
C SER A 220 -16.01 -18.12 -4.26
N THR A 221 -16.19 -19.43 -4.40
CA THR A 221 -17.14 -20.12 -3.51
C THR A 221 -16.54 -20.58 -2.19
N ASP A 222 -15.27 -20.31 -1.93
CA ASP A 222 -14.72 -20.77 -0.66
C ASP A 222 -15.43 -20.14 0.54
N GLY A 223 -15.72 -20.96 1.52
CA GLY A 223 -16.46 -20.51 2.69
C GLY A 223 -15.67 -19.67 3.66
N ARG A 224 -14.35 -19.55 3.46
CA ARG A 224 -13.51 -18.82 4.39
C ARG A 224 -13.39 -17.34 4.02
N ILE A 225 -13.74 -16.97 2.80
CA ILE A 225 -13.58 -15.60 2.33
C ILE A 225 -14.31 -14.59 3.22
N LYS A 226 -15.58 -14.87 3.52
CA LYS A 226 -16.37 -14.02 4.41
C LYS A 226 -15.81 -13.88 5.84
N SER A 227 -15.74 -14.98 6.59
CA SER A 227 -15.33 -14.89 7.99
C SER A 227 -13.86 -14.56 8.21
N TYR A 228 -13.00 -14.80 7.21
CA TYR A 228 -11.60 -14.37 7.33
C TYR A 228 -11.43 -12.89 7.02
N GLY A 229 -12.51 -12.22 6.64
CA GLY A 229 -12.49 -10.78 6.39
C GLY A 229 -11.69 -10.46 5.14
N LEU A 230 -11.88 -11.25 4.09
CA LEU A 230 -11.16 -11.07 2.85
C LEU A 230 -11.99 -10.32 1.81
N LYS A 231 -11.30 -9.73 0.84
CA LYS A 231 -11.92 -8.88 -0.17
C LYS A 231 -11.49 -9.37 -1.56
N MET A 232 -12.48 -9.72 -2.39
CA MET A 232 -12.24 -10.17 -3.76
C MET A 232 -12.19 -8.95 -4.67
N LEU A 233 -11.11 -8.83 -5.43
CA LEU A 233 -10.96 -7.68 -6.32
C LEU A 233 -11.67 -7.92 -7.63
N LYS A 234 -12.24 -6.86 -8.20
CA LYS A 234 -12.94 -6.97 -9.47
C LYS A 234 -11.96 -7.22 -10.62
N ASP A 235 -12.30 -8.19 -11.47
CA ASP A 235 -11.54 -8.52 -12.68
C ASP A 235 -11.96 -7.53 -13.77
N ASP A 236 -11.35 -6.35 -13.75
CA ASP A 236 -11.79 -5.21 -14.56
C ASP A 236 -11.49 -5.37 -16.05
N LYS A 237 -10.58 -6.28 -16.38
CA LYS A 237 -10.30 -6.59 -17.79
C LYS A 237 -11.09 -7.79 -18.29
N GLN A 238 -11.94 -8.34 -17.43
CA GLN A 238 -12.70 -9.55 -17.76
C GLN A 238 -11.82 -10.68 -18.31
N PHE A 239 -10.66 -10.88 -17.68
CA PHE A 239 -9.73 -11.93 -18.04
C PHE A 239 -10.32 -13.32 -17.82
N PHE A 240 -11.03 -13.48 -16.70
CA PHE A 240 -11.60 -14.78 -16.37
C PHE A 240 -12.98 -14.95 -16.99
N PRO A 241 -13.22 -16.12 -17.62
CA PRO A 241 -14.54 -16.45 -18.20
C PRO A 241 -15.56 -16.81 -17.13
N PRO A 242 -16.83 -16.96 -17.50
CA PRO A 242 -17.82 -17.49 -16.55
C PRO A 242 -17.44 -18.90 -16.10
N TYR A 243 -17.73 -19.24 -14.85
CA TYR A 243 -17.42 -20.57 -14.33
C TYR A 243 -18.63 -21.21 -13.64
N ASP A 244 -19.77 -21.23 -14.32
CA ASP A 244 -20.97 -21.86 -13.80
C ASP A 244 -20.76 -23.36 -13.69
N CYS A 245 -21.23 -23.92 -12.58
CA CYS A 245 -20.97 -25.33 -12.24
C CYS A 245 -22.14 -26.26 -12.53
N SER A 246 -21.86 -27.36 -13.22
CA SER A 246 -22.86 -28.36 -13.60
C SER A 246 -22.31 -29.76 -13.47
N PRO A 247 -23.20 -30.75 -13.32
CA PRO A 247 -22.81 -32.15 -13.49
C PRO A 247 -22.79 -32.51 -14.98
N VAL A 248 -21.95 -33.49 -15.32
CA VAL A 248 -21.81 -33.96 -16.70
C VAL A 248 -21.89 -35.49 -16.71
N VAL A 249 -22.67 -36.04 -17.62
CA VAL A 249 -22.92 -37.50 -17.67
C VAL A 249 -22.95 -37.98 -19.10
N PRO A 250 -22.29 -39.12 -19.40
CA PRO A 250 -22.40 -39.70 -20.74
C PRO A 250 -23.84 -40.10 -21.08
N GLU A 251 -24.26 -39.84 -22.31
CA GLU A 251 -25.59 -40.24 -22.75
C GLU A 251 -25.82 -41.74 -22.61
N LYS A 252 -24.77 -42.53 -22.74
CA LYS A 252 -24.87 -43.99 -22.61
C LYS A 252 -25.30 -44.36 -21.19
N VAL A 253 -24.75 -43.67 -20.20
CA VAL A 253 -25.14 -43.89 -18.80
C VAL A 253 -26.60 -43.53 -18.55
N LEU A 254 -27.05 -42.43 -19.15
CA LEU A 254 -28.45 -42.02 -18.98
C LEU A 254 -29.40 -43.03 -19.64
N LYS A 255 -29.02 -43.57 -20.80
CA LYS A 255 -29.84 -44.57 -21.49
C LYS A 255 -29.98 -45.85 -20.71
N GLU A 256 -28.87 -46.29 -20.12
CA GLU A 256 -28.85 -47.54 -19.36
C GLU A 256 -29.48 -47.40 -17.98
N HIS A 257 -29.51 -46.18 -17.46
CA HIS A 257 -30.18 -45.91 -16.19
C HIS A 257 -31.16 -44.75 -16.33
N PRO A 258 -32.33 -45.01 -16.93
CA PRO A 258 -33.26 -43.92 -17.29
C PRO A 258 -33.84 -43.13 -16.11
N GLU A 259 -33.67 -43.62 -14.88
CA GLU A 259 -34.11 -42.86 -13.71
C GLU A 259 -33.17 -41.71 -13.35
N LEU A 260 -31.93 -41.76 -13.84
CA LEU A 260 -30.93 -40.76 -13.44
C LEU A 260 -31.29 -39.35 -13.83
N GLU A 261 -31.87 -39.17 -15.02
CA GLU A 261 -32.23 -37.86 -15.51
C GLU A 261 -33.08 -37.09 -14.50
N GLY A 262 -34.18 -37.70 -14.05
CA GLY A 262 -35.08 -37.06 -13.12
C GLY A 262 -34.44 -36.76 -11.77
N ILE A 263 -33.49 -37.60 -11.37
N ILE A 263 -33.49 -37.59 -11.35
CA ILE A 263 -32.80 -37.40 -10.09
CA ILE A 263 -32.83 -37.37 -10.06
C ILE A 263 -31.86 -36.21 -10.15
C ILE A 263 -31.84 -36.21 -10.14
N ILE A 264 -31.02 -36.19 -11.18
CA ILE A 264 -30.07 -35.10 -11.37
C ILE A 264 -30.81 -33.76 -11.49
N LYS A 265 -31.93 -33.75 -12.20
CA LYS A 265 -32.74 -32.54 -12.36
C LYS A 265 -33.12 -31.90 -11.01
N LYS A 266 -33.27 -32.71 -9.98
CA LYS A 266 -33.72 -32.19 -8.69
C LYS A 266 -32.70 -31.25 -8.05
N MET A 267 -31.43 -31.33 -8.47
CA MET A 267 -30.42 -30.46 -7.91
C MET A 267 -30.18 -29.17 -8.69
N LEU A 268 -30.78 -29.07 -9.86
CA LEU A 268 -30.41 -28.00 -10.77
C LEU A 268 -31.13 -26.68 -10.47
N GLY A 269 -30.37 -25.59 -10.51
CA GLY A 269 -30.91 -24.27 -10.24
C GLY A 269 -31.28 -24.00 -8.78
N LYS A 270 -30.85 -24.85 -7.85
CA LYS A 270 -31.29 -24.83 -6.44
C LYS A 270 -30.23 -24.42 -5.44
N ILE A 271 -28.97 -24.37 -5.87
CA ILE A 271 -27.86 -24.15 -4.95
C ILE A 271 -27.13 -22.88 -5.37
N ASP A 272 -27.39 -21.78 -4.67
CA ASP A 272 -26.81 -20.51 -5.04
C ASP A 272 -25.37 -20.35 -4.49
N THR A 273 -24.69 -19.28 -4.89
N THR A 273 -24.69 -19.27 -4.90
CA THR A 273 -23.30 -19.09 -4.48
CA THR A 273 -23.31 -19.06 -4.47
C THR A 273 -23.15 -18.92 -2.96
C THR A 273 -23.17 -18.92 -2.96
N ALA A 274 -24.09 -18.20 -2.34
CA ALA A 274 -24.04 -18.01 -0.89
C ALA A 274 -24.18 -19.34 -0.16
N THR A 275 -25.06 -20.19 -0.66
CA THR A 275 -25.26 -21.51 -0.10
C THR A 275 -24.05 -22.40 -0.30
N MET A 276 -23.47 -22.39 -1.49
CA MET A 276 -22.28 -23.19 -1.74
C MET A 276 -21.13 -22.79 -0.82
N GLN A 277 -20.99 -21.48 -0.59
CA GLN A 277 -19.99 -20.98 0.34
C GLN A 277 -20.23 -21.50 1.76
N GLU A 278 -21.50 -21.49 2.19
CA GLU A 278 -21.85 -22.01 3.50
C GLU A 278 -21.52 -23.49 3.65
N LEU A 279 -21.81 -24.26 2.61
CA LEU A 279 -21.51 -25.69 2.62
C LEU A 279 -20.01 -25.93 2.65
N ASN A 280 -19.27 -25.22 1.80
CA ASN A 280 -17.82 -25.31 1.83
C ASN A 280 -17.28 -24.97 3.22
N TYR A 281 -17.84 -23.94 3.86
CA TYR A 281 -17.42 -23.58 5.21
C TYR A 281 -17.60 -24.72 6.20
N GLU A 282 -18.71 -25.45 6.10
N GLU A 282 -18.72 -25.43 6.11
CA GLU A 282 -18.95 -26.53 7.06
CA GLU A 282 -18.98 -26.56 7.00
C GLU A 282 -17.85 -27.59 7.00
C GLU A 282 -17.83 -27.56 6.99
N VAL A 283 -17.31 -27.85 5.80
CA VAL A 283 -16.17 -28.74 5.66
C VAL A 283 -14.87 -28.11 6.15
N ASP A 284 -14.53 -26.94 5.61
CA ASP A 284 -13.19 -26.37 5.83
C ASP A 284 -13.06 -25.59 7.13
N GLY A 285 -14.13 -24.96 7.58
CA GLY A 285 -14.12 -24.17 8.79
C GLY A 285 -14.77 -24.85 9.99
N ASN A 286 -15.77 -25.69 9.76
CA ASN A 286 -16.43 -26.39 10.88
C ASN A 286 -16.03 -27.86 10.97
N LEU A 287 -15.04 -28.25 10.16
CA LEU A 287 -14.41 -29.58 10.27
C LEU A 287 -15.39 -30.75 10.14
N LYS A 288 -16.37 -30.62 9.26
CA LYS A 288 -17.30 -31.71 8.97
C LYS A 288 -16.84 -32.47 7.74
N GLU A 289 -17.12 -33.77 7.70
CA GLU A 289 -16.90 -34.56 6.48
C GLU A 289 -17.87 -34.12 5.39
N PRO A 290 -17.39 -34.05 4.14
CA PRO A 290 -18.30 -33.69 3.04
C PRO A 290 -19.59 -34.52 2.99
N SER A 291 -19.53 -35.82 3.29
CA SER A 291 -20.76 -36.64 3.28
C SER A 291 -21.78 -36.19 4.32
N VAL A 292 -21.30 -35.78 5.49
CA VAL A 292 -22.17 -35.27 6.55
C VAL A 292 -22.76 -33.90 6.17
N VAL A 293 -21.94 -33.02 5.61
CA VAL A 293 -22.43 -31.72 5.13
C VAL A 293 -23.53 -31.93 4.10
N ALA A 294 -23.30 -32.81 3.15
CA ALA A 294 -24.30 -33.13 2.14
C ALA A 294 -25.59 -33.69 2.73
N LYS A 295 -25.45 -34.63 3.68
CA LYS A 295 -26.61 -35.26 4.33
C LYS A 295 -27.44 -34.25 5.11
N GLU A 296 -26.77 -33.40 5.89
CA GLU A 296 -27.47 -32.38 6.66
C GLU A 296 -28.20 -31.38 5.77
N TYR A 297 -27.59 -31.03 4.63
CA TYR A 297 -28.24 -30.13 3.69
C TYR A 297 -29.48 -30.78 3.08
N LEU A 298 -29.35 -32.04 2.66
CA LEU A 298 -30.49 -32.77 2.08
C LEU A 298 -31.62 -32.87 3.08
N GLU A 299 -31.29 -33.10 4.35
CA GLU A 299 -32.30 -33.22 5.39
C GLU A 299 -33.00 -31.88 5.64
N LYS A 300 -32.21 -30.82 5.70
CA LYS A 300 -32.77 -29.48 5.90
C LYS A 300 -33.75 -29.11 4.80
N HIS A 301 -33.44 -29.50 3.58
CA HIS A 301 -34.26 -29.15 2.42
C HIS A 301 -35.11 -30.29 1.92
N ARG A 302 -35.27 -31.31 2.76
CA ARG A 302 -36.18 -32.43 2.49
C ARG A 302 -35.94 -33.04 1.11
N TYR A 303 -34.67 -33.19 0.75
CA TYR A 303 -34.27 -33.85 -0.49
C TYR A 303 -34.84 -33.19 -1.75
N PHE A 304 -35.09 -31.87 -1.64
CA PHE A 304 -35.53 -31.00 -2.75
C PHE A 304 -36.99 -31.18 -3.16
N GLU A 305 -37.78 -31.83 -2.32
CA GLU A 305 -39.22 -31.95 -2.55
C GLU A 305 -39.88 -32.07 -1.18
N SER A 306 -40.54 -31.00 -0.74
CA SER A 306 -40.83 -30.82 0.68
C SER A 306 -42.12 -31.47 1.18
N GLY B 27 6.66 -7.56 2.17
CA GLY B 27 5.50 -7.28 1.36
C GLY B 27 4.70 -6.08 1.84
N LEU B 28 3.80 -5.60 0.99
CA LEU B 28 3.04 -4.38 1.29
C LEU B 28 2.16 -4.50 2.52
N SER B 29 1.67 -5.70 2.83
CA SER B 29 0.78 -5.84 3.98
C SER B 29 1.50 -5.71 5.34
N ALA B 30 2.83 -5.64 5.29
CA ALA B 30 3.64 -5.44 6.50
C ALA B 30 4.20 -4.02 6.57
N ALA B 31 3.73 -3.14 5.69
CA ALA B 31 4.23 -1.77 5.62
C ALA B 31 4.09 -1.03 6.95
N ALA B 32 3.04 -1.34 7.72
CA ALA B 32 2.83 -0.66 8.99
C ALA B 32 3.84 -1.06 10.05
N ASP B 33 4.60 -2.12 9.77
CA ASP B 33 5.67 -2.58 10.66
C ASP B 33 6.97 -1.81 10.44
N GLN B 34 7.01 -1.02 9.38
CA GLN B 34 8.21 -0.27 9.01
C GLN B 34 8.37 1.00 9.84
N THR B 35 9.60 1.27 10.26
CA THR B 35 9.87 2.47 11.04
C THR B 35 10.09 3.66 10.11
N ILE B 36 9.40 4.76 10.39
CA ILE B 36 9.56 5.99 9.63
C ILE B 36 10.75 6.77 10.17
N LYS B 37 11.76 6.94 9.32
CA LYS B 37 13.02 7.58 9.70
C LYS B 37 12.95 9.07 9.42
N ILE B 38 13.02 9.88 10.47
CA ILE B 38 12.89 11.32 10.32
C ILE B 38 14.25 12.01 10.49
N GLY B 39 14.75 12.64 9.44
CA GLY B 39 16.05 13.29 9.47
C GLY B 39 16.04 14.66 10.13
N ALA B 40 17.04 14.91 10.97
CA ALA B 40 17.23 16.20 11.59
C ALA B 40 18.65 16.68 11.29
N GLN B 41 18.77 17.91 10.80
CA GLN B 41 20.05 18.57 10.61
C GLN B 41 20.62 18.91 11.99
N SER B 42 21.90 19.23 12.07
N SER B 42 21.90 19.25 12.08
CA SER B 42 22.54 19.56 13.34
CA SER B 42 22.54 19.59 13.35
C SER B 42 22.19 20.98 13.83
C SER B 42 22.16 21.00 13.84
N MET B 43 20.89 21.21 14.03
N MET B 43 20.87 21.24 14.00
CA MET B 43 20.37 22.47 14.56
CA MET B 43 20.36 22.50 14.53
C MET B 43 19.27 22.11 15.53
C MET B 43 19.25 22.15 15.51
N SER B 44 19.18 22.85 16.63
CA SER B 44 18.15 22.60 17.64
C SER B 44 16.74 22.61 17.03
N GLU B 45 16.49 23.60 16.18
CA GLU B 45 15.25 23.73 15.44
C GLU B 45 14.85 22.44 14.72
N SER B 46 15.82 21.83 14.06
CA SER B 46 15.55 20.63 13.29
C SER B 46 15.23 19.45 14.21
N GLU B 47 15.94 19.34 15.34
CA GLU B 47 15.66 18.29 16.33
C GLU B 47 14.30 18.47 17.01
N ILE B 48 13.94 19.71 17.33
CA ILE B 48 12.64 20.00 17.92
C ILE B 48 11.51 19.61 16.96
N ILE B 49 11.61 20.08 15.72
CA ILE B 49 10.60 19.79 14.70
C ILE B 49 10.53 18.31 14.34
N ALA B 50 11.68 17.65 14.24
CA ALA B 50 11.71 16.22 13.98
C ALA B 50 10.99 15.44 15.07
N SER B 51 11.26 15.78 16.33
CA SER B 51 10.61 15.11 17.44
C SER B 51 9.11 15.37 17.44
N MET B 52 8.73 16.61 17.15
N MET B 52 8.74 16.60 17.13
CA MET B 52 7.33 17.01 17.11
CA MET B 52 7.33 17.00 17.10
C MET B 52 6.55 16.21 16.07
C MET B 52 6.55 16.21 16.07
N LEU B 53 7.10 16.10 14.86
CA LEU B 53 6.46 15.35 13.78
C LEU B 53 6.37 13.86 14.15
N GLY B 54 7.46 13.27 14.65
CA GLY B 54 7.44 11.90 15.12
C GLY B 54 6.36 11.64 16.16
N GLN B 55 6.28 12.53 17.15
CA GLN B 55 5.25 12.40 18.19
C GLN B 55 3.85 12.50 17.60
N LEU B 56 3.67 13.39 16.64
CA LEU B 56 2.36 13.58 16.03
C LEU B 56 1.95 12.34 15.23
N ILE B 57 2.92 11.74 14.56
CA ILE B 57 2.67 10.52 13.79
C ILE B 57 2.26 9.38 14.72
N GLU B 58 2.92 9.28 15.87
CA GLU B 58 2.61 8.20 16.80
C GLU B 58 1.29 8.45 17.53
N HIS B 59 0.90 9.72 17.62
CA HIS B 59 -0.37 10.11 18.22
C HIS B 59 -1.54 9.69 17.35
N HIS B 60 -1.35 9.69 16.03
CA HIS B 60 -2.45 9.46 15.08
C HIS B 60 -2.45 8.11 14.38
N THR B 61 -1.30 7.45 14.35
CA THR B 61 -1.19 6.15 13.68
C THR B 61 -0.49 5.19 14.60
N ASP B 62 -0.38 3.92 14.20
CA ASP B 62 0.48 3.05 14.96
C ASP B 62 1.79 2.75 14.21
N LEU B 63 2.26 3.75 13.49
CA LEU B 63 3.58 3.71 12.90
C LEU B 63 4.64 4.01 13.95
N LYS B 64 5.76 3.32 13.85
CA LYS B 64 6.92 3.60 14.68
C LYS B 64 7.73 4.68 13.97
N THR B 65 8.40 5.53 14.74
CA THR B 65 9.25 6.56 14.17
C THR B 65 10.58 6.65 14.90
N THR B 66 11.63 7.07 14.19
N THR B 66 11.58 7.17 14.22
CA THR B 66 12.93 7.33 14.79
CA THR B 66 12.88 7.38 14.82
C THR B 66 13.50 8.62 14.23
C THR B 66 13.51 8.62 14.21
N THR B 67 14.38 9.27 14.97
CA THR B 67 15.08 10.46 14.50
C THR B 67 16.50 10.10 14.09
N ILE B 68 16.86 10.47 12.87
CA ILE B 68 18.21 10.29 12.35
C ILE B 68 18.88 11.66 12.45
N LYS B 69 19.68 11.84 13.50
CA LYS B 69 20.21 13.14 13.89
C LYS B 69 21.57 13.50 13.28
N ASN B 70 21.92 14.77 13.42
CA ASN B 70 23.25 15.29 13.08
C ASN B 70 23.56 15.33 11.57
N LEU B 71 22.55 15.31 10.71
CA LEU B 71 22.78 15.53 9.29
C LEU B 71 23.42 16.91 9.08
N GLY B 72 24.50 16.97 8.31
CA GLY B 72 25.31 18.17 8.31
C GLY B 72 24.74 19.40 7.62
N SER B 73 23.88 19.21 6.64
CA SER B 73 23.51 20.29 5.74
C SER B 73 22.34 19.95 4.85
N ASN B 74 21.88 20.95 4.12
CA ASN B 74 20.91 20.77 3.05
C ASN B 74 21.31 19.64 2.10
N ALA B 75 22.58 19.61 1.71
CA ALA B 75 23.04 18.63 0.73
C ALA B 75 22.98 17.21 1.29
N VAL B 76 23.38 17.05 2.55
CA VAL B 76 23.31 15.75 3.20
C VAL B 76 21.86 15.29 3.26
N GLN B 77 20.95 16.19 3.60
CA GLN B 77 19.54 15.81 3.67
C GLN B 77 19.01 15.38 2.32
N GLN B 78 19.36 16.12 1.27
CA GLN B 78 18.97 15.77 -0.10
C GLN B 78 19.42 14.36 -0.47
N GLN B 79 20.69 14.03 -0.22
CA GLN B 79 21.17 12.71 -0.60
C GLN B 79 20.49 11.61 0.22
N ALA B 80 20.22 11.89 1.50
CA ALA B 80 19.60 10.89 2.35
C ALA B 80 18.15 10.62 1.94
N LEU B 81 17.46 11.64 1.43
CA LEU B 81 16.12 11.43 0.89
C LEU B 81 16.17 10.57 -0.36
N MET B 82 17.13 10.85 -1.24
CA MET B 82 17.18 10.18 -2.54
C MET B 82 17.67 8.74 -2.48
N ASN B 83 18.45 8.40 -1.44
CA ASN B 83 18.93 7.04 -1.29
C ASN B 83 18.19 6.19 -0.23
N GLY B 84 17.13 6.74 0.35
CA GLY B 84 16.33 5.99 1.32
C GLY B 84 16.78 5.98 2.77
N GLU B 85 17.82 6.72 3.11
CA GLU B 85 18.32 6.73 4.48
C GLU B 85 17.39 7.47 5.44
N ILE B 86 16.66 8.45 4.92
CA ILE B 86 15.59 9.08 5.69
C ILE B 86 14.31 9.11 4.86
N ASP B 87 13.19 8.97 5.55
CA ASP B 87 11.86 8.96 4.93
C ASP B 87 11.22 10.36 4.92
N ILE B 88 11.62 11.19 5.89
CA ILE B 88 11.13 12.56 6.00
C ILE B 88 12.32 13.43 6.35
N ALA B 89 12.50 14.54 5.64
CA ALA B 89 13.42 15.59 6.07
C ALA B 89 12.59 16.61 6.85
N ALA B 90 12.82 16.68 8.16
CA ALA B 90 12.02 17.55 9.04
C ALA B 90 12.06 19.03 8.65
N THR B 91 13.26 19.54 8.36
CA THR B 91 13.40 20.97 8.07
C THR B 91 14.29 21.24 6.86
N ARG B 92 13.69 21.74 5.79
CA ARG B 92 14.44 22.26 4.65
C ARG B 92 14.00 23.72 4.39
N TYR B 93 14.86 24.51 3.73
CA TYR B 93 14.65 25.96 3.63
C TYR B 93 14.70 26.40 2.17
N THR B 94 13.69 27.13 1.70
CA THR B 94 13.56 27.39 0.26
C THR B 94 14.80 28.01 -0.38
N GLY B 95 15.31 29.10 0.21
CA GLY B 95 16.45 29.78 -0.38
C GLY B 95 17.66 28.89 -0.53
N THR B 96 17.89 28.03 0.46
CA THR B 96 19.02 27.11 0.41
C THR B 96 18.84 26.03 -0.65
N ALA B 97 17.66 25.42 -0.71
CA ALA B 97 17.41 24.37 -1.69
C ALA B 97 17.37 24.92 -3.12
N LEU B 98 16.84 26.13 -3.29
CA LEU B 98 16.77 26.77 -4.61
C LEU B 98 18.14 26.91 -5.27
N THR B 99 19.09 27.48 -4.55
CA THR B 99 20.44 27.69 -5.08
C THR B 99 21.35 26.47 -4.92
N GLY B 100 21.24 25.78 -3.79
CA GLY B 100 22.12 24.68 -3.51
C GLY B 100 21.76 23.35 -4.16
N THR B 101 20.49 22.99 -4.11
CA THR B 101 20.07 21.72 -4.68
C THR B 101 19.67 21.87 -6.15
N LEU B 102 18.80 22.83 -6.43
CA LEU B 102 18.25 23.01 -7.78
C LEU B 102 19.17 23.80 -8.69
N ARG B 103 20.18 24.44 -8.11
CA ARG B 103 21.14 25.26 -8.86
C ARG B 103 20.44 26.33 -9.70
N MET B 104 19.41 26.93 -9.12
CA MET B 104 18.67 28.02 -9.74
C MET B 104 19.08 29.36 -9.11
N GLU B 105 18.68 30.47 -9.74
CA GLU B 105 18.93 31.79 -9.19
C GLU B 105 18.15 31.99 -7.89
N PRO B 106 18.70 32.79 -6.96
CA PRO B 106 18.04 33.04 -5.68
C PRO B 106 16.83 33.97 -5.80
N GLU B 107 15.67 33.39 -6.06
CA GLU B 107 14.41 34.11 -6.13
C GLU B 107 14.17 34.84 -4.81
N LYS B 108 13.87 36.13 -4.88
CA LYS B 108 13.76 36.95 -3.67
C LYS B 108 12.35 37.06 -3.08
N ASP B 109 11.32 36.75 -3.86
CA ASP B 109 9.96 36.81 -3.35
C ASP B 109 9.61 35.48 -2.67
N PRO B 110 9.15 35.54 -1.40
CA PRO B 110 8.83 34.31 -0.66
C PRO B 110 7.82 33.39 -1.34
N ASP B 111 6.70 33.91 -1.82
CA ASP B 111 5.70 33.05 -2.43
C ASP B 111 6.24 32.40 -3.71
N LYS B 112 6.92 33.19 -4.53
CA LYS B 112 7.47 32.66 -5.77
C LYS B 112 8.57 31.63 -5.52
N ALA B 113 9.42 31.91 -4.53
CA ALA B 113 10.50 30.99 -4.17
C ALA B 113 9.92 29.65 -3.72
N LEU B 114 8.85 29.67 -2.94
CA LEU B 114 8.23 28.42 -2.48
C LEU B 114 7.59 27.66 -3.63
N ALA B 115 6.84 28.36 -4.47
CA ALA B 115 6.18 27.73 -5.61
C ALA B 115 7.19 27.04 -6.53
N LEU B 116 8.28 27.74 -6.85
CA LEU B 116 9.33 27.18 -7.71
C LEU B 116 9.94 25.92 -7.09
N THR B 117 10.24 25.99 -5.80
CA THR B 117 10.88 24.89 -5.10
C THR B 117 9.95 23.67 -5.06
N GLN B 118 8.68 23.88 -4.74
CA GLN B 118 7.70 22.79 -4.73
C GLN B 118 7.59 22.11 -6.09
N ARG B 119 7.42 22.92 -7.13
CA ARG B 119 7.27 22.41 -8.49
C ARG B 119 8.48 21.60 -8.90
N GLU B 120 9.67 22.17 -8.73
CA GLU B 120 10.89 21.52 -9.20
C GLU B 120 11.25 20.26 -8.39
N PHE B 121 11.01 20.31 -7.09
CA PHE B 121 11.23 19.12 -6.27
C PHE B 121 10.36 17.94 -6.69
N LYS B 122 9.09 18.19 -7.00
CA LYS B 122 8.21 17.12 -7.50
C LYS B 122 8.69 16.63 -8.86
N LYS B 123 8.91 17.57 -9.78
CA LYS B 123 9.31 17.24 -11.14
C LYS B 123 10.66 16.50 -11.23
N ARG B 124 11.67 17.01 -10.53
CA ARG B 124 13.03 16.46 -10.67
C ARG B 124 13.29 15.22 -9.82
N TYR B 125 12.70 15.18 -8.63
CA TYR B 125 13.11 14.20 -7.62
C TYR B 125 11.97 13.33 -7.11
N ASP B 126 10.74 13.62 -7.53
CA ASP B 126 9.54 12.98 -6.98
C ASP B 126 9.48 13.16 -5.46
N LEU B 127 9.91 14.33 -5.00
CA LEU B 127 9.85 14.69 -3.59
C LEU B 127 8.75 15.72 -3.39
N LYS B 128 7.98 15.56 -2.32
CA LYS B 128 6.97 16.54 -1.95
C LYS B 128 7.55 17.53 -0.93
N TRP B 129 7.70 18.77 -1.36
CA TRP B 129 8.08 19.87 -0.49
C TRP B 129 6.79 20.53 0.00
N TYR B 130 6.47 20.36 1.27
CA TYR B 130 5.21 20.85 1.82
C TYR B 130 5.18 22.37 1.94
N ASP B 131 3.99 22.94 2.15
CA ASP B 131 3.89 24.34 2.54
C ASP B 131 4.69 24.53 3.84
N SER B 132 5.02 25.77 4.14
CA SER B 132 5.86 26.05 5.29
C SER B 132 5.16 25.82 6.63
N TYR B 133 5.95 25.46 7.63
CA TYR B 133 5.47 25.41 9.01
C TYR B 133 4.95 26.78 9.45
N GLY B 134 5.51 27.84 8.88
CA GLY B 134 5.10 29.20 9.20
C GLY B 134 6.24 30.10 9.61
N PHE B 135 7.45 29.55 9.66
CA PHE B 135 8.62 30.35 10.04
C PHE B 135 9.68 30.37 8.94
N ASP B 136 10.46 31.45 8.90
N ASP B 136 10.49 31.43 8.98
CA ASP B 136 11.61 31.48 8.02
CA ASP B 136 11.59 31.68 8.04
C ASP B 136 12.85 31.73 8.86
C ASP B 136 12.89 31.78 8.87
N ASN B 137 13.89 30.95 8.58
CA ASN B 137 15.13 31.01 9.31
C ASN B 137 16.23 31.52 8.38
N THR B 138 16.38 32.84 8.35
CA THR B 138 17.33 33.46 7.44
C THR B 138 18.67 33.78 8.09
N TYR B 139 19.71 33.78 7.28
CA TYR B 139 20.95 34.43 7.68
C TYR B 139 20.60 35.89 7.98
N ALA B 140 21.18 36.43 9.04
CA ALA B 140 20.90 37.81 9.42
C ALA B 140 22.14 38.41 10.06
N PHE B 141 22.61 39.51 9.49
CA PHE B 141 23.74 40.21 10.10
C PHE B 141 23.30 40.83 11.43
N THR B 142 24.02 40.50 12.49
CA THR B 142 23.57 40.75 13.85
C THR B 142 24.69 41.36 14.69
N VAL B 143 24.34 42.40 15.44
CA VAL B 143 25.29 43.10 16.32
C VAL B 143 24.70 43.21 17.72
N SER B 144 25.50 43.65 18.69
CA SER B 144 24.94 43.92 20.02
C SER B 144 24.04 45.15 19.99
N LYS B 145 23.07 45.20 20.90
CA LYS B 145 22.20 46.37 20.99
C LYS B 145 23.04 47.60 21.29
N GLU B 146 24.12 47.41 22.05
CA GLU B 146 24.99 48.54 22.39
C GLU B 146 25.67 49.14 21.15
N LEU B 147 26.20 48.29 20.27
CA LEU B 147 26.84 48.79 19.05
C LEU B 147 25.81 49.48 18.16
N ALA B 148 24.65 48.86 18.01
CA ALA B 148 23.60 49.42 17.18
C ALA B 148 23.16 50.79 17.68
N ASP B 149 23.05 50.94 19.01
CA ASP B 149 22.62 52.21 19.58
C ASP B 149 23.70 53.28 19.45
N GLN B 150 24.95 52.89 19.66
CA GLN B 150 26.06 53.85 19.61
C GLN B 150 26.28 54.42 18.21
N TYR B 151 26.20 53.55 17.20
CA TYR B 151 26.50 53.96 15.83
C TYR B 151 25.25 54.06 14.94
N HIS B 152 24.08 54.01 15.56
CA HIS B 152 22.80 54.17 14.87
C HIS B 152 22.66 53.19 13.70
N LEU B 153 22.90 51.91 14.00
CA LEU B 153 22.85 50.86 12.99
C LEU B 153 21.47 50.21 12.94
N GLU B 154 20.81 50.32 11.79
CA GLU B 154 19.51 49.68 11.58
C GLU B 154 19.54 48.72 10.39
N THR B 155 20.31 49.07 9.35
CA THR B 155 20.39 48.28 8.14
C THR B 155 21.79 47.76 7.88
N VAL B 156 21.90 46.78 7.00
CA VAL B 156 23.21 46.32 6.54
C VAL B 156 23.97 47.44 5.85
N SER B 157 23.28 48.23 5.02
CA SER B 157 23.93 49.37 4.37
C SER B 157 24.55 50.35 5.38
N ASP B 158 23.94 50.47 6.56
CA ASP B 158 24.46 51.35 7.60
C ASP B 158 25.88 50.99 8.05
N VAL B 159 26.26 49.72 7.94
N VAL B 159 26.26 49.74 7.86
CA VAL B 159 27.60 49.33 8.43
CA VAL B 159 27.50 49.25 8.39
C VAL B 159 28.71 49.44 7.40
C VAL B 159 28.69 49.49 7.44
N LYS B 160 28.39 49.84 6.18
CA LYS B 160 29.40 49.95 5.13
C LYS B 160 30.67 50.74 5.54
N LYS B 161 30.48 51.94 6.08
CA LYS B 161 31.64 52.75 6.46
C LYS B 161 32.43 52.18 7.64
N TRP B 162 31.85 51.21 8.34
CA TRP B 162 32.51 50.61 9.50
C TRP B 162 33.14 49.25 9.19
N ALA B 163 32.78 48.66 8.05
CA ALA B 163 33.17 47.28 7.75
C ALA B 163 34.66 46.94 7.95
N PRO B 164 35.58 47.84 7.52
CA PRO B 164 37.01 47.50 7.71
C PRO B 164 37.44 47.38 9.16
N GLN B 165 36.64 47.91 10.09
CA GLN B 165 36.97 47.83 11.52
C GLN B 165 36.10 46.83 12.26
N LEU B 166 35.45 45.94 11.52
CA LEU B 166 34.61 44.94 12.13
C LEU B 166 35.12 43.52 11.88
N LYS B 167 35.09 42.70 12.93
CA LYS B 167 35.32 41.26 12.80
C LYS B 167 33.97 40.58 12.66
N LEU B 168 33.83 39.79 11.60
CA LEU B 168 32.60 39.04 11.33
C LEU B 168 32.75 37.56 11.64
N GLY B 169 31.89 37.07 12.52
CA GLY B 169 31.81 35.64 12.79
C GLY B 169 30.74 35.03 11.89
N VAL B 170 31.03 33.87 11.30
CA VAL B 170 30.06 33.21 10.42
C VAL B 170 30.08 31.71 10.68
N ASP B 171 29.11 31.01 10.11
CA ASP B 171 29.09 29.56 10.24
C ASP B 171 30.23 28.93 9.44
N ASN B 172 30.42 27.63 9.62
CA ASN B 172 31.54 26.93 8.99
C ASN B 172 31.45 26.88 7.47
N TYR B 173 30.24 26.97 6.95
CA TYR B 173 29.98 26.66 5.55
C TYR B 173 29.80 27.86 4.60
N TRP B 174 29.13 28.93 5.07
CA TRP B 174 28.78 30.08 4.23
C TRP B 174 30.00 30.74 3.58
N ASN B 180 26.93 32.64 -4.27
CA ASN B 180 25.84 33.07 -3.39
C ASN B 180 26.31 33.37 -1.97
N GLY B 181 27.63 33.44 -1.79
CA GLY B 181 28.20 33.58 -0.47
C GLY B 181 28.83 34.94 -0.23
N TYR B 182 29.97 34.92 0.45
CA TYR B 182 30.65 36.15 0.86
C TYR B 182 31.02 37.04 -0.32
N GLN B 183 31.63 36.46 -1.35
CA GLN B 183 32.02 37.25 -2.51
C GLN B 183 30.84 37.98 -3.15
N ASP B 184 29.70 37.30 -3.25
CA ASP B 184 28.49 37.94 -3.79
C ASP B 184 27.92 39.01 -2.85
N PHE B 185 28.04 38.79 -1.55
CA PHE B 185 27.65 39.79 -0.58
C PHE B 185 28.50 41.06 -0.75
N THR B 186 29.81 40.89 -0.87
CA THR B 186 30.70 42.04 -0.99
C THR B 186 30.45 42.80 -2.29
N LYS B 187 30.10 42.09 -3.35
CA LYS B 187 29.72 42.73 -4.60
C LYS B 187 28.46 43.57 -4.41
N THR B 188 27.46 42.97 -3.77
CA THR B 188 26.15 43.60 -3.61
C THR B 188 26.18 44.83 -2.71
N TYR B 189 26.84 44.71 -1.55
CA TYR B 189 26.88 45.81 -0.59
C TYR B 189 28.12 46.71 -0.71
N GLY B 190 29.07 46.31 -1.54
CA GLY B 190 30.29 47.09 -1.72
C GLY B 190 31.09 47.27 -0.45
N MET B 191 31.10 46.25 0.41
CA MET B 191 31.86 46.32 1.64
C MET B 191 32.59 45.01 1.93
N THR B 192 33.75 45.12 2.56
N THR B 192 33.74 45.12 2.58
CA THR B 192 34.49 43.95 2.99
CA THR B 192 34.52 43.96 2.98
C THR B 192 34.88 44.14 4.45
C THR B 192 34.92 44.13 4.45
N PHE B 193 34.64 43.12 5.26
CA PHE B 193 34.95 43.20 6.68
C PHE B 193 36.44 43.08 6.96
N GLY B 194 36.88 43.66 8.08
CA GLY B 194 38.29 43.62 8.45
C GLY B 194 38.80 42.20 8.63
N GLY B 195 37.93 41.32 9.13
CA GLY B 195 38.28 39.92 9.27
C GLY B 195 37.04 39.06 9.25
N THR B 196 37.18 37.83 8.76
CA THR B 196 36.08 36.86 8.77
C THR B 196 36.49 35.61 9.52
N TYR B 197 35.59 35.10 10.35
CA TYR B 197 35.93 34.03 11.28
C TYR B 197 34.88 32.93 11.29
N PRO B 198 35.10 31.87 10.49
CA PRO B 198 34.18 30.72 10.48
C PRO B 198 34.22 29.96 11.80
N MET B 199 33.06 29.52 12.26
CA MET B 199 32.93 28.77 13.50
C MET B 199 31.59 28.05 13.46
N GLN B 200 31.36 27.10 14.36
CA GLN B 200 30.04 26.47 14.47
C GLN B 200 29.01 27.55 14.70
N ILE B 201 27.86 27.45 14.02
CA ILE B 201 26.86 28.51 14.11
C ILE B 201 26.41 28.76 15.54
N GLY B 202 26.28 27.69 16.32
CA GLY B 202 25.90 27.80 17.73
C GLY B 202 26.79 28.71 18.56
N LEU B 203 28.02 28.94 18.11
CA LEU B 203 28.97 29.76 18.86
C LEU B 203 28.91 31.26 18.56
N VAL B 204 28.19 31.67 17.52
CA VAL B 204 28.27 33.08 17.13
C VAL B 204 27.58 34.03 18.11
N TYR B 205 26.63 33.51 18.88
CA TYR B 205 25.79 34.33 19.73
C TYR B 205 26.60 34.85 20.91
N ASP B 206 27.31 33.94 21.58
CA ASP B 206 28.22 34.32 22.64
C ASP B 206 29.40 35.13 22.09
N ALA B 207 29.85 34.79 20.89
CA ALA B 207 30.96 35.50 20.27
C ALA B 207 30.69 37.00 20.11
N VAL B 208 29.51 37.35 19.62
CA VAL B 208 29.18 38.76 19.46
C VAL B 208 28.79 39.41 20.80
N LYS B 209 28.08 38.66 21.65
CA LYS B 209 27.66 39.20 22.95
C LYS B 209 28.86 39.56 23.82
N SER B 210 29.89 38.74 23.78
CA SER B 210 31.06 38.93 24.64
C SER B 210 32.08 39.92 24.06
N GLY B 211 31.87 40.33 22.80
CA GLY B 211 32.75 41.29 22.16
C GLY B 211 33.91 40.68 21.39
N LYS B 212 33.98 39.35 21.37
CA LYS B 212 35.01 38.67 20.59
C LYS B 212 34.84 38.92 19.08
N MET B 213 33.59 39.00 18.63
CA MET B 213 33.25 39.42 17.27
C MET B 213 32.47 40.72 17.37
N ASP B 214 32.50 41.53 16.31
CA ASP B 214 31.74 42.78 16.27
C ASP B 214 30.38 42.62 15.60
N ILE B 215 30.28 41.62 14.73
CA ILE B 215 29.07 41.39 13.95
C ILE B 215 29.12 39.92 13.57
N VAL B 216 27.96 39.28 13.52
CA VAL B 216 27.91 37.87 13.12
C VAL B 216 26.80 37.60 12.11
N LEU B 217 26.97 36.55 11.30
CA LEU B 217 25.91 36.12 10.42
C LEU B 217 25.11 35.04 11.14
N ALA B 218 24.10 35.50 11.89
CA ALA B 218 23.30 34.63 12.73
C ALA B 218 22.19 33.95 11.93
N TYR B 219 21.51 33.00 12.57
CA TYR B 219 20.28 32.41 12.03
C TYR B 219 19.10 33.03 12.79
N SER B 220 18.16 33.62 12.06
CA SER B 220 17.13 34.49 12.66
C SER B 220 16.16 33.85 13.65
N THR B 221 15.99 32.52 13.59
CA THR B 221 15.13 31.86 14.56
C THR B 221 15.84 31.47 15.84
N ASP B 222 17.12 31.78 15.97
CA ASP B 222 17.81 31.43 17.21
C ASP B 222 17.32 32.30 18.37
N GLY B 223 16.87 31.64 19.44
CA GLY B 223 16.32 32.34 20.60
C GLY B 223 17.32 33.20 21.37
N ARG B 224 18.61 32.98 21.14
CA ARG B 224 19.63 33.75 21.84
C ARG B 224 19.73 35.19 21.31
N ILE B 225 19.18 35.46 20.13
CA ILE B 225 19.24 36.82 19.61
C ILE B 225 18.45 37.76 20.53
N LYS B 226 17.20 37.43 20.79
CA LYS B 226 16.37 38.16 21.75
C LYS B 226 16.95 38.11 23.17
N SER B 227 17.34 36.92 23.61
CA SER B 227 17.76 36.75 25.01
C SER B 227 19.03 37.52 25.35
N TYR B 228 19.98 37.56 24.43
CA TYR B 228 21.27 38.20 24.67
C TYR B 228 21.25 39.70 24.35
N GLY B 229 20.09 40.21 23.95
CA GLY B 229 19.98 41.63 23.59
C GLY B 229 20.81 41.94 22.36
N LEU B 230 20.62 41.14 21.32
CA LEU B 230 21.29 41.38 20.05
C LEU B 230 20.28 41.96 19.08
N LYS B 231 20.79 42.59 18.02
CA LYS B 231 19.94 43.26 17.04
C LYS B 231 20.28 42.78 15.64
N MET B 232 19.27 42.28 14.93
CA MET B 232 19.42 41.93 13.53
C MET B 232 19.27 43.17 12.66
N LEU B 233 20.23 43.37 11.76
CA LEU B 233 20.19 44.48 10.82
C LEU B 233 19.37 44.10 9.59
N LYS B 234 18.58 45.04 9.08
CA LYS B 234 17.76 44.77 7.90
C LYS B 234 18.59 44.60 6.63
N ASP B 235 18.27 43.56 5.87
CA ASP B 235 18.92 43.30 4.58
C ASP B 235 18.25 44.19 3.54
N ASP B 236 18.61 45.47 3.55
CA ASP B 236 17.87 46.47 2.77
C ASP B 236 18.03 46.31 1.26
N LYS B 237 19.15 45.75 0.83
CA LYS B 237 19.40 45.51 -0.59
C LYS B 237 18.88 44.15 -1.04
N GLN B 238 18.14 43.46 -0.15
CA GLN B 238 17.58 42.15 -0.46
C GLN B 238 18.59 41.18 -1.05
N PHE B 239 19.77 41.09 -0.45
CA PHE B 239 20.77 40.12 -0.86
C PHE B 239 20.31 38.68 -0.65
N PHE B 240 19.69 38.41 0.49
CA PHE B 240 19.30 37.04 0.83
C PHE B 240 17.95 36.69 0.24
N PRO B 241 17.82 35.46 -0.27
CA PRO B 241 16.51 34.93 -0.62
C PRO B 241 15.76 34.60 0.66
N PRO B 242 14.47 34.32 0.55
CA PRO B 242 13.73 33.84 1.72
C PRO B 242 14.19 32.44 2.14
N TYR B 243 13.98 32.09 3.40
CA TYR B 243 14.33 30.77 3.89
C TYR B 243 13.17 30.17 4.67
N ASP B 244 12.00 30.16 4.05
CA ASP B 244 10.83 29.52 4.65
C ASP B 244 11.07 28.04 4.84
N CYS B 245 10.64 27.51 5.99
CA CYS B 245 10.96 26.15 6.38
C CYS B 245 9.78 25.20 6.21
N SER B 246 10.05 24.03 5.60
CA SER B 246 9.05 23.00 5.34
C SER B 246 9.63 21.60 5.53
N PRO B 247 8.78 20.61 5.80
CA PRO B 247 9.18 19.20 5.67
C PRO B 247 9.18 18.75 4.21
N VAL B 248 9.98 17.74 3.90
CA VAL B 248 10.09 17.21 2.55
C VAL B 248 10.04 15.69 2.64
N VAL B 249 9.20 15.08 1.81
CA VAL B 249 8.98 13.63 1.89
C VAL B 249 8.93 13.04 0.48
N PRO B 250 9.59 11.89 0.25
CA PRO B 250 9.45 11.25 -1.06
C PRO B 250 8.01 10.78 -1.32
N GLU B 251 7.53 10.96 -2.54
CA GLU B 251 6.21 10.49 -2.92
C GLU B 251 6.06 8.98 -2.66
N LYS B 252 7.14 8.22 -2.79
CA LYS B 252 7.08 6.78 -2.56
C LYS B 252 6.68 6.48 -1.11
N VAL B 253 7.20 7.29 -0.19
CA VAL B 253 6.88 7.14 1.23
C VAL B 253 5.41 7.46 1.47
N LEU B 254 4.94 8.54 0.85
CA LEU B 254 3.55 8.96 0.98
C LEU B 254 2.59 7.90 0.47
N LYS B 255 2.92 7.28 -0.65
CA LYS B 255 2.04 6.26 -1.23
C LYS B 255 2.03 4.98 -0.42
N GLU B 256 3.18 4.63 0.16
CA GLU B 256 3.29 3.42 0.96
C GLU B 256 2.67 3.59 2.33
N HIS B 257 2.60 4.84 2.77
CA HIS B 257 2.03 5.16 4.09
C HIS B 257 1.04 6.30 3.93
N PRO B 258 -0.15 6.01 3.35
CA PRO B 258 -1.12 7.04 2.99
C PRO B 258 -1.65 7.87 4.16
N GLU B 259 -1.39 7.45 5.39
CA GLU B 259 -1.84 8.22 6.55
C GLU B 259 -0.94 9.42 6.86
N LEU B 260 0.27 9.41 6.31
CA LEU B 260 1.26 10.47 6.62
C LEU B 260 0.86 11.88 6.15
N GLU B 261 0.31 11.96 4.94
CA GLU B 261 -0.07 13.26 4.37
C GLU B 261 -0.94 14.08 5.32
N GLY B 262 -2.01 13.48 5.82
CA GLY B 262 -2.91 14.17 6.73
C GLY B 262 -2.29 14.60 8.05
N ILE B 263 -1.27 13.87 8.48
N ILE B 263 -1.28 13.87 8.51
CA ILE B 263 -0.59 14.18 9.74
CA ILE B 263 -0.62 14.20 9.77
C ILE B 263 0.35 15.36 9.56
C ILE B 263 0.35 15.36 9.58
N ILE B 264 1.13 15.33 8.49
CA ILE B 264 2.08 16.39 8.21
C ILE B 264 1.35 17.72 8.06
N LYS B 265 0.21 17.68 7.37
CA LYS B 265 -0.64 18.86 7.18
C LYS B 265 -1.00 19.57 8.48
N LYS B 266 -1.12 18.82 9.58
CA LYS B 266 -1.54 19.41 10.84
C LYS B 266 -0.52 20.38 11.41
N MET B 267 0.71 20.30 10.95
CA MET B 267 1.77 21.19 11.44
C MET B 267 1.96 22.45 10.61
N LEU B 268 1.32 22.50 9.46
CA LEU B 268 1.64 23.54 8.49
C LEU B 268 0.92 24.87 8.73
N GLY B 269 1.65 25.96 8.56
CA GLY B 269 1.11 27.30 8.69
C GLY B 269 0.80 27.71 10.11
N LYS B 270 1.31 26.98 11.09
CA LYS B 270 0.92 27.15 12.49
C LYS B 270 2.04 27.49 13.46
N ILE B 271 3.27 27.48 12.98
CA ILE B 271 4.41 27.77 13.84
C ILE B 271 5.12 28.99 13.30
N ASP B 272 4.92 30.13 13.94
CA ASP B 272 5.52 31.37 13.43
C ASP B 272 6.96 31.55 13.93
N THR B 273 7.62 32.58 13.44
CA THR B 273 9.02 32.78 13.79
C THR B 273 9.22 33.03 15.30
N ALA B 274 8.28 33.77 15.90
CA ALA B 274 8.36 34.04 17.33
C ALA B 274 8.26 32.76 18.15
N THR B 275 7.36 31.89 17.75
CA THR B 275 7.21 30.61 18.41
C THR B 275 8.48 29.77 18.25
N MET B 276 9.00 29.68 17.03
CA MET B 276 10.20 28.87 16.79
C MET B 276 11.40 29.36 17.63
N GLN B 277 11.56 30.68 17.72
CA GLN B 277 12.61 31.28 18.54
C GLN B 277 12.49 30.85 20.00
N GLU B 278 11.26 30.89 20.52
CA GLU B 278 11.04 30.53 21.91
C GLU B 278 11.37 29.06 22.15
N LEU B 279 10.91 28.19 21.25
CA LEU B 279 11.22 26.77 21.36
C LEU B 279 12.73 26.51 21.26
N ASN B 280 13.38 27.13 20.28
CA ASN B 280 14.84 27.03 20.19
C ASN B 280 15.56 27.45 21.46
N TYR B 281 15.12 28.56 22.08
CA TYR B 281 15.79 29.01 23.29
C TYR B 281 15.66 27.99 24.43
N GLU B 282 14.54 27.27 24.48
CA GLU B 282 14.35 26.23 25.49
C GLU B 282 15.47 25.19 25.44
N VAL B 283 15.95 24.88 24.22
CA VAL B 283 17.05 23.96 24.08
C VAL B 283 18.41 24.64 24.31
N ASP B 284 18.68 25.72 23.60
CA ASP B 284 20.01 26.32 23.58
C ASP B 284 20.34 27.14 24.83
N GLY B 285 19.32 27.82 25.37
CA GLY B 285 19.49 28.66 26.54
C GLY B 285 19.15 27.96 27.85
N ASN B 286 18.00 27.27 27.87
CA ASN B 286 17.55 26.58 29.09
C ASN B 286 17.95 25.08 29.15
N LEU B 287 18.64 24.60 28.12
CA LEU B 287 19.28 23.29 28.13
C LEU B 287 18.31 22.10 28.26
N LYS B 288 17.08 22.29 27.82
CA LYS B 288 16.10 21.20 27.79
C LYS B 288 16.27 20.33 26.54
N GLU B 289 15.90 19.06 26.63
CA GLU B 289 15.96 18.14 25.49
C GLU B 289 14.93 18.51 24.42
N PRO B 290 15.33 18.46 23.14
CA PRO B 290 14.37 18.76 22.07
C PRO B 290 13.10 17.92 22.16
N SER B 291 13.22 16.64 22.53
CA SER B 291 12.02 15.80 22.64
C SER B 291 11.06 16.31 23.71
N VAL B 292 11.60 16.81 24.83
CA VAL B 292 10.79 17.35 25.92
C VAL B 292 10.13 18.67 25.54
N VAL B 293 10.91 19.55 24.89
CA VAL B 293 10.39 20.80 24.35
C VAL B 293 9.23 20.55 23.39
N ALA B 294 9.39 19.55 22.53
CA ALA B 294 8.36 19.22 21.55
C ALA B 294 7.11 18.70 22.24
N LYS B 295 7.27 17.84 23.25
CA LYS B 295 6.09 17.28 23.92
C LYS B 295 5.35 18.36 24.71
N GLU B 296 6.11 19.22 25.38
CA GLU B 296 5.50 20.29 26.14
C GLU B 296 4.65 21.19 25.25
N TYR B 297 5.17 21.49 24.05
CA TYR B 297 4.45 22.30 23.09
C TYR B 297 3.19 21.60 22.54
N LEU B 298 3.34 20.32 22.19
CA LEU B 298 2.24 19.53 21.68
C LEU B 298 1.11 19.40 22.71
N GLU B 299 1.45 19.19 23.98
CA GLU B 299 0.41 19.12 25.01
C GLU B 299 -0.28 20.47 25.25
N LYS B 300 0.50 21.55 25.30
CA LYS B 300 -0.07 22.87 25.49
C LYS B 300 -1.07 23.21 24.39
N HIS B 301 -0.78 22.75 23.18
CA HIS B 301 -1.60 23.10 22.01
C HIS B 301 -2.49 21.97 21.57
N ARG B 302 -2.65 20.99 22.45
CA ARG B 302 -3.56 19.86 22.26
C ARG B 302 -3.35 19.19 20.90
N TYR B 303 -2.09 19.00 20.52
CA TYR B 303 -1.76 18.28 19.30
C TYR B 303 -2.36 18.88 18.02
N PHE B 304 -2.62 20.19 18.05
CA PHE B 304 -3.09 20.99 16.90
C PHE B 304 -4.54 20.82 16.52
N GLU B 305 -5.33 20.22 17.39
CA GLU B 305 -6.77 20.14 17.15
C GLU B 305 -7.49 20.09 18.50
N SER B 306 -8.14 21.18 18.87
CA SER B 306 -8.64 21.38 20.23
C SER B 306 -10.07 20.89 20.46
#